data_2G36
#
_entry.id   2G36
#
_cell.length_a   122.890
_cell.length_b   152.730
_cell.length_c   53.070
_cell.angle_alpha   90.000
_cell.angle_beta   90.000
_cell.angle_gamma   90.000
#
_symmetry.space_group_name_H-M   'C 2 2 21'
#
loop_
_entity.id
_entity.type
_entity.pdbx_description
1 polymer 'Tryptophanyl-tRNA synthetase'
2 non-polymer 'IRON/SULFUR CLUSTER'
3 non-polymer TRYPTOPHAN
4 water water
#
_entity_poly.entity_id   1
_entity_poly.type   'polypeptide(L)'
_entity_poly.pdbx_seq_one_letter_code
;MGSDKIHHHHHHMRILSGMRPTGKLHIGHLVGALENWVKLQEEGNECFYFVADWHALTTHYDDVSKLKEYTRDLVRGFLA
CGIDPEKSVIFVQSGVKEHAELALLFSMIVSVSRLERVPTYKEIKSELNYKDLSTAGFLIYPVLQAADILIYKAEGVPVG
EDQVYHIELTREIARRFNYLYDEVFPEPEAILSRVPKLPGTDGRKMSKSYGNIINLEISEKELEQTILRMMTDPARVRRS
DPGNPENCPVWKYHQAFDISEEESKWVWEGCTTASIGCVDCKKLLLKNMKRKLAPIWENFRKIDEDPHYVDDVIMEGTKK
AREVAAKTMEEVRRAMNLMF
;
_entity_poly.pdbx_strand_id   A
#
loop_
_chem_comp.id
_chem_comp.type
_chem_comp.name
_chem_comp.formula
SF4 non-polymer 'IRON/SULFUR CLUSTER' 'Fe4 S4'
#
# COMPACT_ATOMS: atom_id res chain seq x y z
N HIS A 12 -18.06 1.63 -12.33
CA HIS A 12 -17.07 2.63 -12.80
C HIS A 12 -16.88 3.72 -11.71
N MET A 13 -15.79 3.62 -10.94
CA MET A 13 -15.64 4.42 -9.69
C MET A 13 -14.45 5.33 -9.40
N ARG A 14 -14.66 6.17 -8.39
CA ARG A 14 -13.67 7.09 -7.89
C ARG A 14 -12.95 6.35 -6.77
N ILE A 15 -11.69 5.99 -7.02
CA ILE A 15 -10.90 5.23 -6.06
C ILE A 15 -9.82 6.11 -5.48
N LEU A 16 -9.61 6.02 -4.18
CA LEU A 16 -8.55 6.75 -3.53
C LEU A 16 -7.76 5.84 -2.57
N SER A 17 -6.43 5.96 -2.62
CA SER A 17 -5.58 5.25 -1.69
C SER A 17 -4.19 5.87 -1.61
N GLY A 18 -3.48 5.59 -0.53
CA GLY A 18 -2.12 6.09 -0.34
C GLY A 18 -1.22 5.18 0.47
N MET A 19 0.09 5.40 0.35
CA MET A 19 1.11 4.68 1.09
C MET A 19 2.12 5.66 1.66
N ARG A 20 2.58 5.36 2.87
CA ARG A 20 3.60 6.15 3.57
C ARG A 20 4.95 5.79 3.02
N PRO A 21 5.77 6.80 2.71
CA PRO A 21 7.13 6.53 2.26
C PRO A 21 8.02 6.22 3.44
N THR A 22 8.20 4.94 3.73
CA THR A 22 9.06 4.52 4.80
C THR A 22 10.28 3.77 4.23
N GLY A 23 10.33 3.51 2.93
CA GLY A 23 11.53 2.86 2.36
C GLY A 23 11.40 2.23 0.99
N LYS A 24 12.39 1.42 0.61
CA LYS A 24 12.31 0.70 -0.65
C LYS A 24 11.10 -0.26 -0.54
N LEU A 25 10.26 -0.28 -1.59
CA LEU A 25 9.10 -1.19 -1.68
C LEU A 25 9.61 -2.60 -1.80
N HIS A 26 8.89 -3.54 -1.20
CA HIS A 26 9.26 -4.96 -1.24
C HIS A 26 8.11 -5.83 -1.78
N ILE A 27 8.36 -7.14 -1.84
CA ILE A 27 7.35 -8.13 -2.27
C ILE A 27 5.96 -7.91 -1.65
N GLY A 28 5.93 -7.69 -0.35
CA GLY A 28 4.71 -7.43 0.38
C GLY A 28 3.88 -6.20 -0.02
N HIS A 29 4.52 -5.14 -0.50
CA HIS A 29 3.75 -4.00 -0.97
C HIS A 29 3.15 -4.37 -2.32
N LEU A 30 3.92 -5.11 -3.11
CA LEU A 30 3.50 -5.52 -4.44
C LEU A 30 2.32 -6.47 -4.43
N VAL A 31 2.46 -7.65 -3.82
CA VAL A 31 1.39 -8.65 -3.91
C VAL A 31 0.13 -8.32 -3.12
N GLY A 32 0.26 -7.50 -2.08
CA GLY A 32 -0.92 -7.02 -1.36
C GLY A 32 -1.48 -5.77 -2.04
N ALA A 33 -1.07 -4.62 -1.53
CA ALA A 33 -1.56 -3.32 -1.99
C ALA A 33 -1.46 -2.97 -3.49
N LEU A 34 -0.26 -2.95 -4.03
CA LEU A 34 -0.03 -2.46 -5.41
C LEU A 34 -0.69 -3.26 -6.50
N GLU A 35 -0.78 -4.57 -6.36
CA GLU A 35 -1.46 -5.35 -7.39
C GLU A 35 -2.92 -5.00 -7.38
N ASN A 36 -3.52 -4.80 -6.20
CA ASN A 36 -4.92 -4.42 -6.15
C ASN A 36 -5.10 -3.04 -6.83
N TRP A 37 -4.21 -2.10 -6.54
CA TRP A 37 -4.26 -0.76 -7.14
C TRP A 37 -4.28 -0.79 -8.67
N VAL A 38 -3.36 -1.59 -9.21
CA VAL A 38 -3.24 -1.78 -10.65
C VAL A 38 -4.51 -2.47 -11.18
N LYS A 39 -5.05 -3.44 -10.44
CA LYS A 39 -6.27 -4.12 -10.88
C LYS A 39 -7.41 -3.09 -10.92
N LEU A 40 -7.52 -2.21 -9.94
CA LEU A 40 -8.59 -1.22 -9.95
C LEU A 40 -8.39 -0.23 -11.10
N GLN A 41 -7.14 0.08 -11.37
CA GLN A 41 -6.79 0.97 -12.47
C GLN A 41 -7.20 0.34 -13.79
N GLU A 42 -6.86 -0.92 -13.99
CA GLU A 42 -7.13 -1.60 -15.28
C GLU A 42 -8.60 -1.86 -15.53
N GLU A 43 -9.36 -2.04 -14.47
CA GLU A 43 -10.79 -2.21 -14.60
C GLU A 43 -11.43 -0.89 -15.05
N GLY A 44 -10.64 0.19 -15.03
CA GLY A 44 -11.07 1.48 -15.55
C GLY A 44 -11.77 2.42 -14.61
N ASN A 45 -11.41 2.41 -13.34
CA ASN A 45 -12.00 3.32 -12.36
C ASN A 45 -11.16 4.61 -12.34
N GLU A 46 -11.69 5.70 -11.77
CA GLU A 46 -10.93 6.95 -11.62
C GLU A 46 -10.04 6.81 -10.40
N CYS A 47 -8.77 6.50 -10.60
CA CYS A 47 -7.90 6.26 -9.44
C CYS A 47 -7.01 7.42 -9.06
N PHE A 48 -7.08 7.78 -7.77
CA PHE A 48 -6.22 8.78 -7.16
C PHE A 48 -5.30 8.01 -6.17
N TYR A 49 -3.99 7.98 -6.46
CA TYR A 49 -3.01 7.28 -5.66
C TYR A 49 -1.89 8.23 -5.27
N PHE A 50 -1.50 8.18 -4.00
CA PHE A 50 -0.52 9.15 -3.51
C PHE A 50 0.43 8.66 -2.46
N VAL A 51 1.51 9.41 -2.29
CA VAL A 51 2.51 9.11 -1.29
C VAL A 51 2.09 9.93 -0.09
N ALA A 52 1.79 9.25 1.01
CA ALA A 52 1.34 9.92 2.23
C ALA A 52 2.51 10.42 3.04
N ASP A 53 3.24 11.40 2.54
CA ASP A 53 4.40 11.90 3.27
C ASP A 53 4.07 12.58 4.62
N TRP A 54 2.91 13.23 4.76
CA TRP A 54 2.58 13.76 6.08
C TRP A 54 2.28 12.64 7.09
N HIS A 55 1.70 11.52 6.66
CA HIS A 55 1.47 10.40 7.59
C HIS A 55 2.83 9.80 7.97
N ALA A 56 3.83 9.92 7.10
CA ALA A 56 5.17 9.44 7.45
C ALA A 56 5.60 10.20 8.71
N LEU A 57 5.37 11.51 8.75
CA LEU A 57 5.73 12.33 9.96
C LEU A 57 5.01 11.92 11.27
N THR A 58 3.76 11.48 11.22
CA THR A 58 3.10 11.10 12.47
C THR A 58 3.92 10.10 13.27
N THR A 59 4.59 9.18 12.61
CA THR A 59 5.40 8.16 13.30
C THR A 59 6.91 8.39 13.22
N HIS A 60 7.37 9.01 12.14
CA HIS A 60 8.81 9.21 11.90
C HIS A 60 9.26 10.67 11.98
N TYR A 61 8.61 11.46 12.84
CA TYR A 61 9.00 12.86 13.00
C TYR A 61 10.41 12.95 13.59
N ASP A 62 10.91 11.84 14.16
CA ASP A 62 12.29 11.77 14.70
C ASP A 62 13.34 11.52 13.63
N ASP A 63 12.99 10.98 12.45
CA ASP A 63 13.97 10.80 11.37
CA ASP A 63 13.98 10.83 11.36
C ASP A 63 13.42 11.22 10.00
N VAL A 64 13.59 12.50 9.67
CA VAL A 64 13.14 13.04 8.41
C VAL A 64 14.28 13.13 7.40
N SER A 65 15.48 12.76 7.78
CA SER A 65 16.61 12.93 6.87
C SER A 65 16.45 12.28 5.49
N LYS A 66 15.54 11.30 5.36
CA LYS A 66 15.34 10.64 4.07
C LYS A 66 13.92 10.69 3.54
N LEU A 67 13.14 11.61 4.08
CA LEU A 67 11.73 11.76 3.76
C LEU A 67 11.49 12.20 2.32
N LYS A 68 12.08 13.32 1.93
CA LYS A 68 11.95 13.80 0.56
C LYS A 68 12.41 12.69 -0.40
N GLU A 69 13.53 12.08 -0.06
CA GLU A 69 14.11 11.05 -0.91
C GLU A 69 13.22 9.81 -0.98
N TYR A 70 12.70 9.36 0.16
CA TYR A 70 11.77 8.22 0.16
C TYR A 70 10.45 8.50 -0.54
N THR A 71 10.02 9.76 -0.50
CA THR A 71 8.77 10.20 -1.15
C THR A 71 8.88 10.00 -2.64
N ARG A 72 9.97 10.50 -3.22
CA ARG A 72 10.23 10.34 -4.65
C ARG A 72 10.38 8.86 -5.01
N ASP A 73 11.18 8.14 -4.24
CA ASP A 73 11.37 6.71 -4.52
C ASP A 73 10.01 5.99 -4.49
N LEU A 74 9.13 6.35 -3.59
CA LEU A 74 7.85 5.66 -3.55
C LEU A 74 7.13 5.89 -4.90
N VAL A 75 7.17 7.12 -5.43
CA VAL A 75 6.48 7.37 -6.69
C VAL A 75 7.14 6.59 -7.82
N ARG A 76 8.47 6.56 -7.80
CA ARG A 76 9.23 5.78 -8.79
C ARG A 76 8.74 4.34 -8.76
N GLY A 77 8.58 3.80 -7.55
CA GLY A 77 8.05 2.45 -7.37
C GLY A 77 6.63 2.22 -7.86
N PHE A 78 5.71 3.16 -7.58
CA PHE A 78 4.33 3.00 -8.05
C PHE A 78 4.36 2.76 -9.53
N LEU A 79 5.14 3.60 -10.23
CA LEU A 79 5.28 3.56 -11.68
C LEU A 79 5.84 2.24 -12.20
N ALA A 80 6.87 1.72 -11.54
CA ALA A 80 7.51 0.46 -11.97
C ALA A 80 6.55 -0.69 -11.88
N CYS A 81 5.60 -0.59 -10.95
CA CYS A 81 4.60 -1.63 -10.71
C CYS A 81 3.35 -1.50 -11.56
N GLY A 82 3.27 -0.53 -12.44
CA GLY A 82 2.12 -0.44 -13.32
C GLY A 82 1.15 0.67 -13.04
N ILE A 83 1.39 1.45 -11.98
CA ILE A 83 0.54 2.63 -11.75
C ILE A 83 0.86 3.56 -12.94
N ASP A 84 -0.12 3.72 -13.82
CA ASP A 84 0.04 4.48 -15.06
C ASP A 84 -0.53 5.89 -14.89
N PRO A 85 0.33 6.91 -15.02
CA PRO A 85 -0.11 8.30 -14.85
C PRO A 85 -0.98 8.80 -16.02
N GLU A 86 -0.92 8.12 -17.15
CA GLU A 86 -1.75 8.48 -18.30
C GLU A 86 -3.21 8.10 -17.99
N LYS A 87 -3.44 7.25 -16.99
CA LYS A 87 -4.83 6.91 -16.56
C LYS A 87 -5.15 7.07 -15.05
N SER A 88 -4.13 7.12 -14.18
CA SER A 88 -4.37 7.40 -12.76
C SER A 88 -3.76 8.76 -12.45
N VAL A 89 -4.24 9.35 -11.35
CA VAL A 89 -3.73 10.61 -10.82
C VAL A 89 -2.75 10.19 -9.72
N ILE A 90 -1.48 10.49 -9.91
CA ILE A 90 -0.47 10.09 -8.95
C ILE A 90 0.11 11.35 -8.32
N PHE A 91 0.13 11.43 -7.00
CA PHE A 91 0.58 12.66 -6.38
C PHE A 91 1.22 12.50 -5.04
N VAL A 92 1.68 13.61 -4.49
CA VAL A 92 2.28 13.64 -3.17
C VAL A 92 1.37 14.45 -2.24
N GLN A 93 1.01 13.84 -1.13
CA GLN A 93 0.12 14.43 -0.14
C GLN A 93 0.50 15.87 0.24
N SER A 94 1.75 16.08 0.63
CA SER A 94 2.19 17.39 1.07
C SER A 94 2.00 18.51 0.03
N GLY A 95 1.96 18.15 -1.24
CA GLY A 95 1.71 19.12 -2.31
C GLY A 95 0.25 19.59 -2.39
N VAL A 96 -0.68 18.86 -1.78
CA VAL A 96 -2.08 19.24 -1.85
C VAL A 96 -2.44 19.86 -0.51
N LYS A 97 -2.09 21.13 -0.34
CA LYS A 97 -2.27 21.85 0.93
C LYS A 97 -3.69 21.82 1.47
N GLU A 98 -4.63 21.64 0.57
CA GLU A 98 -6.03 21.56 0.95
C GLU A 98 -6.32 20.42 1.93
N HIS A 99 -5.49 19.38 1.94
CA HIS A 99 -5.69 18.26 2.87
C HIS A 99 -5.51 18.74 4.30
N ALA A 100 -4.51 19.58 4.54
CA ALA A 100 -4.27 20.12 5.88
C ALA A 100 -5.50 20.88 6.37
N GLU A 101 -6.04 21.75 5.51
CA GLU A 101 -7.19 22.57 5.85
C GLU A 101 -8.42 21.75 6.17
N LEU A 102 -8.72 20.74 5.35
CA LEU A 102 -9.91 19.90 5.60
C LEU A 102 -9.70 19.11 6.90
N ALA A 103 -8.48 18.62 7.12
CA ALA A 103 -8.18 17.87 8.33
C ALA A 103 -8.51 18.73 9.53
N LEU A 104 -8.01 19.97 9.50
CA LEU A 104 -8.24 20.92 10.59
C LEU A 104 -9.74 21.15 10.78
N LEU A 105 -10.43 21.40 9.68
CA LEU A 105 -11.90 21.60 9.72
C LEU A 105 -12.64 20.37 10.28
N PHE A 106 -12.27 19.17 9.85
CA PHE A 106 -12.91 17.96 10.39
C PHE A 106 -12.61 17.73 11.86
N SER A 107 -11.46 18.21 12.32
CA SER A 107 -11.07 18.00 13.71
C SER A 107 -12.02 18.73 14.62
N MET A 108 -12.71 19.72 14.10
CA MET A 108 -13.63 20.50 14.92
C MET A 108 -14.93 19.78 15.16
N ILE A 109 -15.19 18.69 14.43
CA ILE A 109 -16.45 17.97 14.57
C ILE A 109 -16.29 16.53 15.06
N VAL A 110 -15.10 16.15 15.47
CA VAL A 110 -14.80 14.78 15.93
C VAL A 110 -14.31 14.82 17.36
N SER A 111 -14.82 13.95 18.22
CA SER A 111 -14.38 13.98 19.62
C SER A 111 -13.04 13.27 19.87
N VAL A 112 -12.38 13.73 20.92
CA VAL A 112 -11.12 13.14 21.35
C VAL A 112 -11.36 11.68 21.67
N SER A 113 -12.42 11.38 22.44
CA SER A 113 -12.72 9.99 22.83
C SER A 113 -12.92 9.12 21.60
N ARG A 114 -13.59 9.64 20.57
CA ARG A 114 -13.80 8.86 19.35
C ARG A 114 -12.50 8.48 18.68
N LEU A 115 -11.49 9.36 18.76
CA LEU A 115 -10.18 9.07 18.17
C LEU A 115 -9.44 8.05 19.04
N GLU A 116 -9.65 8.15 20.35
CA GLU A 116 -9.05 7.19 21.28
C GLU A 116 -9.60 5.76 21.07
N ARG A 117 -10.87 5.61 20.65
CA ARG A 117 -11.48 4.28 20.44
C ARG A 117 -10.87 3.55 19.26
N VAL A 118 -10.27 4.29 18.33
CA VAL A 118 -9.67 3.66 17.15
C VAL A 118 -8.69 2.56 17.55
N PRO A 119 -8.98 1.31 17.16
CA PRO A 119 -8.05 0.22 17.51
C PRO A 119 -6.66 0.44 16.93
N THR A 120 -6.58 0.80 15.65
CA THR A 120 -5.28 1.09 15.00
C THR A 120 -4.41 2.08 15.80
N TYR A 121 -5.02 2.75 16.78
CA TYR A 121 -4.35 3.69 17.67
C TYR A 121 -3.64 2.95 18.80
N LYS A 122 -4.38 2.61 19.86
CA LYS A 122 -3.84 1.94 21.07
C LYS A 122 -3.01 0.65 20.84
N GLU A 123 -3.11 0.06 19.65
CA GLU A 123 -2.35 -1.16 19.26
C GLU A 123 -0.91 -0.87 18.72
N ILE A 124 -0.77 0.18 17.89
CA ILE A 124 0.53 0.57 17.32
C ILE A 124 1.44 1.20 18.38
N ASP A 132 7.14 9.58 21.82
CA ASP A 132 7.20 8.83 20.57
C ASP A 132 5.84 8.94 19.84
N LEU A 133 4.87 8.07 20.19
CA LEU A 133 3.53 8.09 19.54
C LEU A 133 2.42 8.61 20.47
N SER A 134 2.79 9.46 21.42
CA SER A 134 1.86 10.07 22.35
C SER A 134 1.43 11.44 21.86
N THR A 135 1.67 11.69 20.55
CA THR A 135 1.51 13.02 19.97
C THR A 135 0.09 13.34 19.51
N ALA A 136 -0.23 14.63 19.54
CA ALA A 136 -1.49 15.12 19.00
C ALA A 136 -1.61 14.61 17.56
N GLY A 137 -0.51 14.65 16.81
CA GLY A 137 -0.49 14.24 15.41
C GLY A 137 -0.87 12.80 15.19
N PHE A 138 -0.45 11.91 16.09
CA PHE A 138 -0.81 10.52 15.92
C PHE A 138 -2.31 10.28 16.23
N LEU A 139 -2.84 11.03 17.19
CA LEU A 139 -4.24 10.95 17.58
C LEU A 139 -5.17 11.39 16.45
N ILE A 140 -4.82 12.47 15.74
CA ILE A 140 -5.67 12.96 14.65
C ILE A 140 -5.34 12.38 13.27
N TYR A 141 -4.42 11.42 13.24
CA TYR A 141 -4.00 10.69 12.03
C TYR A 141 -5.23 10.24 11.25
N PRO A 142 -6.21 9.63 11.93
CA PRO A 142 -7.37 9.20 11.18
C PRO A 142 -8.20 10.36 10.64
N VAL A 143 -8.16 11.51 11.31
CA VAL A 143 -8.88 12.69 10.79
C VAL A 143 -8.22 13.13 9.47
N LEU A 144 -6.89 13.14 9.44
CA LEU A 144 -6.15 13.48 8.21
C LEU A 144 -6.46 12.50 7.11
N GLN A 145 -6.56 11.23 7.50
CA GLN A 145 -6.87 10.16 6.55
C GLN A 145 -8.30 10.30 5.99
N ALA A 146 -9.22 10.82 6.80
CA ALA A 146 -10.58 11.12 6.36
C ALA A 146 -10.55 12.26 5.34
N ALA A 147 -9.67 13.24 5.55
CA ALA A 147 -9.52 14.37 4.65
C ALA A 147 -9.02 13.84 3.30
N ASP A 148 -7.95 13.05 3.32
CA ASP A 148 -7.42 12.37 2.12
C ASP A 148 -8.50 11.67 1.28
N ILE A 149 -9.37 10.92 1.94
CA ILE A 149 -10.42 10.17 1.25
C ILE A 149 -11.57 11.05 0.84
N LEU A 150 -12.06 11.88 1.75
CA LEU A 150 -13.27 12.66 1.44
C LEU A 150 -13.04 13.89 0.51
N ILE A 151 -11.82 14.39 0.45
CA ILE A 151 -11.56 15.56 -0.37
C ILE A 151 -11.68 15.26 -1.88
N TYR A 152 -11.44 14.01 -2.30
CA TYR A 152 -11.63 13.62 -3.71
C TYR A 152 -13.01 12.94 -3.85
N LYS A 153 -13.84 13.03 -2.81
CA LYS A 153 -15.15 12.39 -2.79
C LYS A 153 -15.05 10.95 -3.29
N ALA A 154 -14.19 10.17 -2.67
CA ALA A 154 -13.95 8.80 -3.12
C ALA A 154 -15.13 7.93 -2.77
N GLU A 155 -15.36 6.91 -3.59
CA GLU A 155 -16.42 5.94 -3.38
C GLU A 155 -15.85 4.63 -2.88
N GLY A 156 -14.61 4.34 -3.25
CA GLY A 156 -13.96 3.11 -2.84
C GLY A 156 -12.52 3.34 -2.41
N VAL A 157 -12.15 2.66 -1.34
CA VAL A 157 -10.81 2.73 -0.82
C VAL A 157 -10.30 1.31 -0.64
N PRO A 158 -9.31 0.88 -1.45
CA PRO A 158 -8.75 -0.47 -1.31
C PRO A 158 -7.99 -0.58 -0.02
N VAL A 159 -8.29 -1.57 0.80
CA VAL A 159 -7.61 -1.71 2.08
C VAL A 159 -7.58 -3.15 2.57
N GLY A 160 -6.61 -3.46 3.43
CA GLY A 160 -6.53 -4.77 4.08
C GLY A 160 -7.41 -4.72 5.30
N GLU A 161 -7.86 -5.88 5.80
CA GLU A 161 -8.77 -5.90 6.95
C GLU A 161 -8.30 -4.94 8.07
N ASP A 162 -6.98 -4.89 8.30
CA ASP A 162 -6.36 -4.05 9.33
C ASP A 162 -6.83 -2.60 9.30
N GLN A 163 -6.88 -2.01 8.10
CA GLN A 163 -7.28 -0.61 7.92
C GLN A 163 -8.80 -0.27 7.88
N VAL A 164 -9.67 -1.27 8.01
CA VAL A 164 -11.13 -1.05 7.93
C VAL A 164 -11.70 0.01 8.90
N TYR A 165 -11.20 0.05 10.13
CA TYR A 165 -11.71 0.97 11.15
C TYR A 165 -11.59 2.46 10.78
N HIS A 166 -10.54 2.82 10.04
CA HIS A 166 -10.33 4.18 9.55
C HIS A 166 -11.40 4.57 8.49
N ILE A 167 -11.89 3.57 7.74
CA ILE A 167 -12.95 3.81 6.74
C ILE A 167 -14.28 4.07 7.46
N GLU A 168 -14.55 3.32 8.52
CA GLU A 168 -15.78 3.53 9.28
C GLU A 168 -15.84 4.96 9.87
N LEU A 169 -14.70 5.49 10.37
CA LEU A 169 -14.66 6.85 10.97
C LEU A 169 -14.92 7.91 9.92
N THR A 170 -14.22 7.78 8.81
CA THR A 170 -14.41 8.65 7.66
C THR A 170 -15.88 8.76 7.29
N ARG A 171 -16.60 7.63 7.33
CA ARG A 171 -18.01 7.64 6.96
C ARG A 171 -18.75 8.47 8.01
N GLU A 172 -18.38 8.30 9.30
CA GLU A 172 -19.02 9.05 10.37
C GLU A 172 -18.76 10.54 10.19
N ILE A 173 -17.53 10.87 9.85
CA ILE A 173 -17.16 12.27 9.63
C ILE A 173 -18.03 12.85 8.52
N ALA A 174 -18.10 12.14 7.40
CA ALA A 174 -18.91 12.56 6.26
C ALA A 174 -20.35 12.81 6.71
N ARG A 175 -20.94 11.82 7.38
CA ARG A 175 -22.32 11.93 7.87
C ARG A 175 -22.51 13.09 8.84
N ARG A 176 -21.60 13.28 9.80
N ARG A 176 -21.59 13.26 9.76
CA ARG A 176 -21.76 14.38 10.76
CA ARG A 176 -21.70 14.34 10.73
C ARG A 176 -21.62 15.72 10.01
C ARG A 176 -21.66 15.67 9.97
N PHE A 177 -20.73 15.78 9.03
CA PHE A 177 -20.54 17.00 8.23
C PHE A 177 -21.77 17.35 7.39
N ASN A 178 -22.22 16.39 6.58
CA ASN A 178 -23.42 16.58 5.75
C ASN A 178 -24.61 17.05 6.59
N TYR A 179 -24.75 16.47 7.78
CA TYR A 179 -25.82 16.83 8.71
C TYR A 179 -25.68 18.26 9.27
N LEU A 180 -24.52 18.57 9.86
CA LEU A 180 -24.30 19.91 10.43
C LEU A 180 -24.31 21.05 9.44
N TYR A 181 -23.90 20.81 8.19
CA TYR A 181 -23.76 21.90 7.25
C TYR A 181 -24.62 21.69 6.00
N ASP A 182 -24.05 21.18 4.92
CA ASP A 182 -24.82 20.91 3.72
C ASP A 182 -24.26 19.60 3.20
N GLU A 183 -24.98 18.94 2.31
CA GLU A 183 -24.57 17.64 1.81
C GLU A 183 -23.54 17.77 0.73
N VAL A 184 -22.29 17.55 1.12
CA VAL A 184 -21.13 17.70 0.25
C VAL A 184 -20.46 16.37 -0.08
N PHE A 185 -20.45 15.45 0.88
CA PHE A 185 -19.68 14.24 0.73
C PHE A 185 -20.42 12.94 0.60
N PRO A 186 -19.98 12.10 -0.35
CA PRO A 186 -20.51 10.75 -0.38
C PRO A 186 -19.88 9.95 0.77
N GLU A 187 -20.51 8.86 1.18
CA GLU A 187 -19.94 8.00 2.21
C GLU A 187 -19.13 6.95 1.48
N PRO A 188 -17.81 6.94 1.70
CA PRO A 188 -16.98 6.01 0.97
C PRO A 188 -17.06 4.64 1.61
N GLU A 189 -16.76 3.61 0.82
CA GLU A 189 -16.77 2.24 1.32
C GLU A 189 -15.42 1.55 1.09
N ALA A 190 -15.13 0.60 1.96
CA ALA A 190 -13.91 -0.15 1.87
C ALA A 190 -14.04 -1.20 0.78
N ILE A 191 -12.93 -1.43 0.06
CA ILE A 191 -12.79 -2.48 -0.93
C ILE A 191 -11.72 -3.45 -0.36
N LEU A 192 -12.17 -4.52 0.31
CA LEU A 192 -11.26 -5.42 1.00
C LEU A 192 -10.42 -6.33 0.12
N SER A 193 -9.13 -6.46 0.47
CA SER A 193 -8.19 -7.32 -0.22
C SER A 193 -8.48 -8.76 0.13
N ARG A 194 -8.51 -9.61 -0.89
CA ARG A 194 -8.63 -11.06 -0.70
C ARG A 194 -7.20 -11.62 -0.52
N VAL A 195 -6.21 -10.93 -1.07
CA VAL A 195 -4.83 -11.39 -1.02
C VAL A 195 -4.39 -11.67 0.42
N PRO A 196 -3.94 -12.90 0.69
CA PRO A 196 -3.47 -13.22 2.02
C PRO A 196 -2.07 -12.63 2.30
N LYS A 197 -1.81 -12.23 3.55
CA LYS A 197 -0.53 -11.63 3.92
C LYS A 197 0.60 -12.62 3.71
N LEU A 198 1.71 -12.13 3.18
CA LEU A 198 2.84 -12.97 2.83
C LEU A 198 3.85 -12.87 3.94
N PRO A 199 4.34 -14.00 4.43
CA PRO A 199 5.31 -13.90 5.50
C PRO A 199 6.69 -13.49 5.01
N GLY A 200 7.63 -13.39 5.94
CA GLY A 200 9.01 -13.11 5.62
C GLY A 200 9.62 -14.39 5.11
N THR A 201 10.82 -14.26 4.57
CA THR A 201 11.58 -15.39 4.03
C THR A 201 11.99 -16.40 5.07
N ASP A 202 11.71 -16.11 6.34
CA ASP A 202 12.01 -17.00 7.46
C ASP A 202 10.77 -17.24 8.33
N GLY A 203 9.62 -17.51 7.70
CA GLY A 203 8.41 -17.81 8.45
C GLY A 203 7.70 -16.65 9.13
N ARG A 204 8.41 -15.91 9.97
CA ARG A 204 7.79 -14.82 10.75
C ARG A 204 7.43 -13.60 9.92
N LYS A 205 6.67 -12.69 10.55
CA LYS A 205 6.17 -11.45 9.95
C LYS A 205 7.30 -10.69 9.24
N MET A 206 6.94 -9.89 8.25
CA MET A 206 7.91 -9.11 7.51
C MET A 206 8.28 -7.89 8.30
N SER A 207 9.56 -7.73 8.61
CA SER A 207 10.04 -6.50 9.23
C SER A 207 11.52 -6.37 8.90
N LYS A 208 11.94 -5.13 8.71
CA LYS A 208 13.30 -4.83 8.30
C LYS A 208 14.29 -5.30 9.34
N SER A 209 13.90 -5.25 10.61
CA SER A 209 14.76 -5.73 11.71
C SER A 209 14.98 -7.25 11.68
N TYR A 210 14.09 -8.03 11.06
CA TYR A 210 14.32 -9.48 10.96
C TYR A 210 15.11 -9.88 9.72
N GLY A 211 15.45 -8.93 8.84
CA GLY A 211 16.22 -9.24 7.64
C GLY A 211 15.59 -10.33 6.80
N ASN A 212 14.27 -10.38 6.80
CA ASN A 212 13.49 -11.37 6.08
C ASN A 212 12.65 -10.76 4.96
N ILE A 213 13.14 -9.66 4.41
CA ILE A 213 12.43 -8.88 3.37
C ILE A 213 13.11 -8.98 2.01
N ILE A 214 12.33 -8.84 0.94
CA ILE A 214 12.86 -8.89 -0.42
C ILE A 214 12.42 -7.62 -1.12
N ASN A 215 13.35 -6.75 -1.41
CA ASN A 215 13.05 -5.52 -2.09
C ASN A 215 12.78 -5.81 -3.54
N LEU A 216 11.87 -5.03 -4.10
CA LEU A 216 11.53 -5.14 -5.51
C LEU A 216 12.76 -4.89 -6.39
N GLU A 217 13.66 -4.02 -5.93
CA GLU A 217 14.81 -3.65 -6.74
C GLU A 217 16.07 -4.48 -6.47
N ILE A 218 15.87 -5.75 -6.17
CA ILE A 218 16.97 -6.68 -5.88
C ILE A 218 17.52 -7.15 -7.24
N SER A 219 18.71 -7.73 -7.25
CA SER A 219 19.30 -8.27 -8.49
C SER A 219 18.94 -9.75 -8.63
N GLU A 220 19.16 -10.34 -9.81
CA GLU A 220 18.90 -11.76 -10.01
C GLU A 220 19.73 -12.65 -9.10
N LYS A 221 20.99 -12.27 -8.87
CA LYS A 221 21.91 -13.06 -8.06
C LYS A 221 21.45 -13.03 -6.62
N GLU A 222 21.06 -11.83 -6.17
CA GLU A 222 20.59 -11.66 -4.80
C GLU A 222 19.22 -12.34 -4.59
N LEU A 223 18.33 -12.30 -5.60
CA LEU A 223 17.05 -13.01 -5.50
C LEU A 223 17.36 -14.53 -5.48
N GLU A 224 18.20 -14.97 -6.40
CA GLU A 224 18.58 -16.38 -6.47
C GLU A 224 19.05 -16.86 -5.10
N GLN A 225 19.90 -16.07 -4.43
CA GLN A 225 20.45 -16.47 -3.13
C GLN A 225 19.44 -16.36 -1.99
N THR A 226 18.60 -15.34 -2.00
CA THR A 226 17.56 -15.19 -0.97
C THR A 226 16.56 -16.37 -1.03
N ILE A 227 16.16 -16.76 -2.23
CA ILE A 227 15.22 -17.89 -2.36
C ILE A 227 15.81 -19.21 -1.94
N LEU A 228 17.09 -19.43 -2.23
CA LEU A 228 17.70 -20.71 -1.94
C LEU A 228 17.91 -20.93 -0.44
N ARG A 229 18.23 -19.89 0.34
CA ARG A 229 18.37 -20.07 1.79
C ARG A 229 17.01 -19.86 2.56
N MET A 230 15.92 -19.63 1.82
CA MET A 230 14.58 -19.42 2.40
C MET A 230 14.09 -20.60 3.27
N MET A 231 13.27 -20.30 4.27
CA MET A 231 12.76 -21.31 5.20
C MET A 231 11.77 -22.27 4.53
N THR A 232 11.91 -23.55 4.83
CA THR A 232 11.00 -24.56 4.38
C THR A 232 10.35 -25.21 5.61
N ASP A 233 9.42 -26.13 5.36
CA ASP A 233 8.76 -26.86 6.42
C ASP A 233 9.79 -27.54 7.30
N PRO A 234 9.86 -27.17 8.58
CA PRO A 234 10.83 -27.83 9.47
C PRO A 234 10.66 -29.35 9.58
N ALA A 235 9.52 -29.88 9.15
CA ALA A 235 9.24 -31.33 9.13
C ALA A 235 10.20 -32.08 8.23
N ARG A 236 10.67 -31.41 7.17
CA ARG A 236 11.58 -32.05 6.22
C ARG A 236 13.02 -32.02 6.68
N VAL A 237 13.32 -32.70 7.78
CA VAL A 237 14.69 -32.69 8.29
C VAL A 237 15.65 -33.24 7.23
N ARG A 238 15.23 -34.28 6.54
CA ARG A 238 16.03 -34.88 5.53
C ARG A 238 15.26 -34.92 4.24
N ARG A 239 15.98 -35.24 3.18
CA ARG A 239 15.39 -35.30 1.87
C ARG A 239 14.24 -36.32 1.84
N SER A 240 14.42 -37.46 2.48
CA SER A 240 13.39 -38.51 2.43
C SER A 240 12.15 -38.24 3.27
N ASP A 241 12.19 -37.22 4.12
CA ASP A 241 11.08 -36.87 4.99
C ASP A 241 10.09 -36.06 4.21
N PRO A 242 8.82 -36.50 4.13
CA PRO A 242 7.84 -35.65 3.46
C PRO A 242 7.55 -34.40 4.29
N GLY A 243 7.10 -33.35 3.61
CA GLY A 243 6.72 -32.12 4.24
C GLY A 243 5.24 -31.83 4.01
N ASN A 244 4.80 -30.69 4.56
CA ASN A 244 3.45 -30.19 4.43
C ASN A 244 3.57 -28.76 3.96
N PRO A 245 3.24 -28.51 2.69
CA PRO A 245 3.35 -27.14 2.22
C PRO A 245 2.57 -26.09 3.02
N GLU A 246 1.46 -26.44 3.67
CA GLU A 246 0.71 -25.43 4.44
C GLU A 246 1.61 -24.80 5.53
N ASN A 247 2.59 -25.57 6.03
CA ASN A 247 3.55 -25.08 7.02
C ASN A 247 4.88 -24.67 6.40
N CYS A 248 4.84 -24.19 5.17
CA CYS A 248 6.06 -23.83 4.50
C CYS A 248 5.95 -22.47 3.84
N PRO A 249 6.87 -21.57 4.18
CA PRO A 249 6.86 -20.25 3.60
C PRO A 249 7.01 -20.26 2.11
N VAL A 250 7.83 -21.17 1.56
CA VAL A 250 8.04 -21.26 0.11
C VAL A 250 6.72 -21.49 -0.63
N TRP A 251 5.86 -22.32 -0.06
CA TRP A 251 4.56 -22.62 -0.63
C TRP A 251 3.70 -21.38 -0.64
N LYS A 252 3.76 -20.61 0.43
CA LYS A 252 2.98 -19.39 0.53
C LYS A 252 3.41 -18.42 -0.56
N TYR A 253 4.71 -18.35 -0.80
CA TYR A 253 5.24 -17.52 -1.87
C TYR A 253 4.81 -18.04 -3.25
N HIS A 254 4.72 -19.37 -3.41
CA HIS A 254 4.28 -19.91 -4.70
C HIS A 254 2.95 -19.31 -5.12
N GLN A 255 2.02 -19.21 -4.18
CA GLN A 255 0.70 -18.64 -4.46
C GLN A 255 0.77 -17.18 -4.91
N ALA A 256 1.54 -16.35 -4.19
CA ALA A 256 1.66 -14.94 -4.56
C ALA A 256 2.24 -14.78 -5.95
N PHE A 257 2.94 -15.79 -6.46
CA PHE A 257 3.59 -15.68 -7.78
C PHE A 257 3.02 -16.52 -8.92
N ASP A 258 1.70 -16.70 -8.86
CA ASP A 258 0.90 -17.31 -9.92
C ASP A 258 1.36 -18.69 -10.38
N ILE A 259 1.41 -19.60 -9.41
CA ILE A 259 1.73 -20.99 -9.66
C ILE A 259 0.53 -21.61 -10.39
N SER A 260 0.78 -22.30 -11.51
CA SER A 260 -0.32 -22.93 -12.27
C SER A 260 -0.90 -24.12 -11.54
N GLU A 261 -2.10 -24.52 -11.96
CA GLU A 261 -2.75 -25.70 -11.39
C GLU A 261 -1.85 -26.94 -11.56
N GLU A 262 -1.17 -27.03 -12.69
CA GLU A 262 -0.24 -28.11 -12.98
C GLU A 262 0.97 -28.06 -12.05
N GLU A 263 1.63 -26.91 -11.98
CA GLU A 263 2.78 -26.75 -11.10
C GLU A 263 2.43 -27.02 -9.62
N SER A 264 1.23 -26.63 -9.19
CA SER A 264 0.83 -26.80 -7.79
C SER A 264 0.52 -28.25 -7.46
N LYS A 265 0.03 -29.01 -8.43
CA LYS A 265 -0.18 -30.45 -8.20
C LYS A 265 1.22 -31.08 -8.08
N TRP A 266 2.14 -30.65 -8.92
CA TRP A 266 3.52 -31.16 -8.87
C TRP A 266 4.19 -30.90 -7.50
N VAL A 267 4.12 -29.67 -7.01
CA VAL A 267 4.69 -29.35 -5.69
C VAL A 267 3.98 -30.18 -4.63
N TRP A 268 2.67 -30.01 -4.53
CA TRP A 268 1.88 -30.70 -3.51
C TRP A 268 2.15 -32.22 -3.45
N GLU A 269 1.98 -32.93 -4.56
CA GLU A 269 2.27 -34.35 -4.59
C GLU A 269 3.76 -34.60 -4.38
N GLY A 270 4.61 -33.68 -4.82
CA GLY A 270 6.06 -33.83 -4.71
C GLY A 270 6.52 -33.76 -3.25
N CYS A 271 6.11 -32.70 -2.59
CA CYS A 271 6.46 -32.43 -1.22
C CYS A 271 5.87 -33.44 -0.25
N THR A 272 4.56 -33.68 -0.35
CA THR A 272 3.88 -34.57 0.58
C THR A 272 4.29 -36.03 0.41
N THR A 273 4.73 -36.39 -0.78
CA THR A 273 5.18 -37.77 -1.06
C THR A 273 6.71 -37.87 -0.97
N ALA A 274 7.38 -36.76 -0.59
CA ALA A 274 8.85 -36.70 -0.51
C ALA A 274 9.51 -37.18 -1.79
N SER A 275 8.96 -36.78 -2.94
CA SER A 275 9.46 -37.20 -4.27
C SER A 275 10.14 -36.06 -5.03
N ILE A 276 10.03 -34.84 -4.53
CA ILE A 276 10.83 -33.74 -5.07
C ILE A 276 11.66 -33.21 -3.91
N GLY A 277 12.73 -32.50 -4.22
CA GLY A 277 13.54 -31.86 -3.19
C GLY A 277 13.20 -30.38 -3.17
N CYS A 278 13.32 -29.77 -2.00
CA CYS A 278 13.08 -28.34 -1.84
C CYS A 278 13.89 -27.53 -2.83
N VAL A 279 15.11 -27.97 -3.15
CA VAL A 279 15.93 -27.24 -4.13
C VAL A 279 15.13 -27.06 -5.42
N ASP A 280 14.60 -28.15 -5.94
CA ASP A 280 13.81 -28.11 -7.17
C ASP A 280 12.56 -27.25 -7.01
N CYS A 281 11.96 -27.33 -5.83
CA CYS A 281 10.76 -26.62 -5.54
C CYS A 281 11.04 -25.12 -5.57
N LYS A 282 12.18 -24.73 -5.01
CA LYS A 282 12.57 -23.33 -4.99
C LYS A 282 12.99 -22.88 -6.39
N LYS A 283 13.61 -23.76 -7.17
CA LYS A 283 13.96 -23.40 -8.55
C LYS A 283 12.68 -22.91 -9.26
N LEU A 284 11.54 -23.56 -8.99
CA LEU A 284 10.25 -23.19 -9.60
C LEU A 284 9.74 -21.85 -9.06
N LEU A 285 9.90 -21.59 -7.79
CA LEU A 285 9.52 -20.28 -7.25
C LEU A 285 10.36 -19.21 -7.94
N LEU A 286 11.66 -19.48 -8.08
CA LEU A 286 12.59 -18.55 -8.70
C LEU A 286 12.12 -18.20 -10.10
N LYS A 287 11.84 -19.20 -10.92
CA LYS A 287 11.39 -18.96 -12.29
C LYS A 287 10.16 -18.07 -12.32
N ASN A 288 9.20 -18.38 -11.46
CA ASN A 288 7.95 -17.63 -11.38
C ASN A 288 8.09 -16.30 -10.73
N MET A 289 8.95 -16.16 -9.73
CA MET A 289 9.02 -14.84 -9.12
C MET A 289 9.85 -13.90 -9.99
N LYS A 290 10.84 -14.46 -10.68
CA LYS A 290 11.64 -13.71 -11.65
C LYS A 290 10.76 -13.25 -12.83
N ARG A 291 9.76 -14.05 -13.19
CA ARG A 291 8.81 -13.69 -14.25
C ARG A 291 8.01 -12.45 -13.90
N LYS A 292 7.57 -12.36 -12.65
CA LYS A 292 6.82 -11.19 -12.22
C LYS A 292 7.76 -9.97 -12.04
N LEU A 293 8.98 -10.19 -11.55
CA LEU A 293 9.90 -9.07 -11.28
C LEU A 293 10.67 -8.49 -12.47
N ALA A 294 10.99 -9.32 -13.47
CA ALA A 294 11.75 -8.87 -14.64
C ALA A 294 11.17 -7.63 -15.31
N PRO A 295 9.86 -7.61 -15.58
CA PRO A 295 9.23 -6.39 -16.14
C PRO A 295 9.34 -5.15 -15.22
N ILE A 296 9.15 -5.35 -13.90
CA ILE A 296 9.32 -4.26 -12.94
C ILE A 296 10.78 -3.78 -12.96
N TRP A 297 11.74 -4.70 -13.05
CA TRP A 297 13.16 -4.29 -13.09
C TRP A 297 13.47 -3.49 -14.34
N GLU A 298 12.95 -3.96 -15.49
CA GLU A 298 13.14 -3.26 -16.77
C GLU A 298 12.56 -1.88 -16.59
N ASN A 299 11.32 -1.80 -16.12
CA ASN A 299 10.66 -0.51 -15.87
C ASN A 299 11.47 0.46 -15.01
N PHE A 300 12.13 -0.01 -13.95
CA PHE A 300 13.00 0.86 -13.16
C PHE A 300 14.12 1.45 -14.03
N ARG A 301 14.66 0.64 -14.94
CA ARG A 301 15.68 1.13 -15.87
C ARG A 301 15.10 2.13 -16.86
N LYS A 302 13.93 1.86 -17.42
CA LYS A 302 13.35 2.78 -18.41
C LYS A 302 13.02 4.12 -17.78
N ILE A 303 12.55 4.10 -16.54
CA ILE A 303 12.22 5.32 -15.81
C ILE A 303 13.45 6.17 -15.54
N ASP A 304 14.54 5.54 -15.13
CA ASP A 304 15.77 6.27 -14.83
C ASP A 304 16.45 6.87 -16.06
N GLU A 305 16.30 6.27 -17.23
CA GLU A 305 16.97 6.86 -18.42
C GLU A 305 16.35 8.19 -18.82
N ASP A 306 15.11 8.45 -18.43
CA ASP A 306 14.55 9.79 -18.64
C ASP A 306 14.55 10.47 -17.27
N PRO A 307 15.68 11.13 -16.92
CA PRO A 307 15.66 11.86 -15.65
C PRO A 307 14.66 13.00 -15.83
N HIS A 308 13.93 13.29 -14.76
CA HIS A 308 12.85 14.27 -14.78
C HIS A 308 11.53 13.58 -15.04
N TYR A 309 11.54 12.35 -15.55
CA TYR A 309 10.28 11.65 -15.82
C TYR A 309 9.44 11.54 -14.57
N VAL A 310 10.08 11.17 -13.46
CA VAL A 310 9.40 11.07 -12.19
C VAL A 310 9.00 12.46 -11.63
N ASP A 311 9.84 13.47 -11.80
CA ASP A 311 9.49 14.83 -11.33
C ASP A 311 8.29 15.35 -12.12
N ASP A 312 8.35 15.18 -13.45
CA ASP A 312 7.26 15.60 -14.32
C ASP A 312 5.94 14.95 -13.89
N VAL A 313 5.97 13.63 -13.67
CA VAL A 313 4.82 12.85 -13.22
C VAL A 313 4.26 13.39 -11.91
N ILE A 314 5.15 13.65 -10.97
CA ILE A 314 4.77 14.19 -9.65
C ILE A 314 4.08 15.55 -9.71
N MET A 315 4.62 16.46 -10.54
CA MET A 315 4.09 17.82 -10.66
C MET A 315 2.77 17.81 -11.41
N GLU A 316 2.75 17.09 -12.53
CA GLU A 316 1.53 16.97 -13.31
C GLU A 316 0.45 16.33 -12.47
N GLY A 317 0.79 15.23 -11.81
CA GLY A 317 -0.19 14.50 -11.02
C GLY A 317 -0.74 15.29 -9.87
N THR A 318 0.16 15.95 -9.14
CA THR A 318 -0.22 16.74 -7.97
C THR A 318 -1.01 17.96 -8.39
N LYS A 319 -0.68 18.52 -9.56
CA LYS A 319 -1.44 19.65 -10.11
C LYS A 319 -2.88 19.17 -10.31
N LYS A 320 -3.05 17.99 -10.90
CA LYS A 320 -4.39 17.47 -11.15
C LYS A 320 -5.15 17.17 -9.86
N ALA A 321 -4.51 16.54 -8.88
CA ALA A 321 -5.17 16.26 -7.59
C ALA A 321 -5.59 17.57 -6.95
N ARG A 322 -4.73 18.58 -7.07
CA ARG A 322 -5.00 19.87 -6.47
C ARG A 322 -6.25 20.49 -7.02
N GLU A 323 -6.43 20.46 -8.34
CA GLU A 323 -7.59 21.13 -8.90
C GLU A 323 -8.89 20.42 -8.50
N VAL A 324 -8.85 19.10 -8.36
CA VAL A 324 -10.03 18.40 -7.87
C VAL A 324 -10.26 18.84 -6.42
N ALA A 325 -9.21 18.76 -5.59
CA ALA A 325 -9.30 19.13 -4.16
C ALA A 325 -9.83 20.54 -3.95
N ALA A 326 -9.33 21.48 -4.73
CA ALA A 326 -9.78 22.87 -4.61
C ALA A 326 -11.27 22.97 -4.89
N LYS A 327 -11.74 22.27 -5.90
CA LYS A 327 -13.16 22.30 -6.24
C LYS A 327 -13.98 21.83 -5.03
N THR A 328 -13.55 20.77 -4.38
CA THR A 328 -14.24 20.28 -3.19
C THR A 328 -14.21 21.30 -2.04
N MET A 329 -13.09 21.99 -1.86
CA MET A 329 -12.98 22.96 -0.77
C MET A 329 -13.90 24.15 -0.95
N GLU A 330 -14.09 24.61 -2.20
CA GLU A 330 -15.05 25.68 -2.44
C GLU A 330 -16.38 25.32 -1.80
N GLU A 331 -16.85 24.07 -2.01
CA GLU A 331 -18.12 23.63 -1.41
C GLU A 331 -18.06 23.58 0.10
N VAL A 332 -17.01 22.97 0.62
CA VAL A 332 -16.81 22.84 2.06
C VAL A 332 -16.80 24.20 2.76
N ARG A 333 -16.09 25.16 2.19
CA ARG A 333 -16.02 26.47 2.83
C ARG A 333 -17.38 27.17 2.74
N ARG A 334 -18.08 26.97 1.63
CA ARG A 334 -19.38 27.60 1.46
C ARG A 334 -20.37 27.00 2.46
N ALA A 335 -20.32 25.68 2.62
CA ALA A 335 -21.18 24.98 3.56
C ALA A 335 -20.91 25.39 5.01
N MET A 336 -19.66 25.65 5.37
CA MET A 336 -19.36 26.02 6.76
C MET A 336 -19.44 27.51 6.94
N ASN A 337 -19.83 28.23 5.89
CA ASN A 337 -19.96 29.68 5.91
C ASN A 337 -18.71 30.42 6.33
N LEU A 338 -17.55 29.90 5.95
CA LEU A 338 -16.26 30.58 6.15
C LEU A 338 -16.04 31.59 5.05
N MET A 339 -15.39 32.70 5.36
CA MET A 339 -15.10 33.70 4.35
C MET A 339 -14.17 33.22 3.23
N PHE A 340 -13.13 32.47 3.58
CA PHE A 340 -12.12 32.06 2.61
C PHE A 340 -11.79 30.58 2.68
FE1 SF4 B . 7.63 -28.67 0.43
FE2 SF4 B . 8.43 -26.17 1.11
FE3 SF4 B . 8.57 -26.92 -1.45
FE4 SF4 B . 10.18 -28.00 0.45
S1 SF4 B . 10.22 -25.79 -0.28
S2 SF4 B . 9.11 -29.16 -1.28
S3 SF4 B . 8.85 -28.07 2.33
S4 SF4 B . 6.61 -26.70 -0.21
N TRP C . -1.03 5.65 6.57
CA TRP C . -2.23 5.48 5.71
C TRP C . -2.32 4.01 5.35
O TRP C . -3.43 3.53 5.13
CB TRP C . -2.11 6.31 4.44
CG TRP C . -3.43 6.81 3.96
CD1 TRP C . -3.94 8.05 4.14
CD2 TRP C . -4.42 6.08 3.22
NE1 TRP C . -5.17 8.16 3.55
CE2 TRP C . -5.50 6.96 2.98
CE3 TRP C . -4.51 4.77 2.73
CZ2 TRP C . -6.63 6.58 2.28
CZ3 TRP C . -5.63 4.40 2.05
CH2 TRP C . -6.69 5.29 1.83
OXT TRP C . -1.32 3.29 5.25
#